data_4FCA
#
_entry.id   4FCA
#
_cell.length_a   72.279
_cell.length_b   156.180
_cell.length_c   48.225
_cell.angle_alpha   90.00
_cell.angle_beta   90.00
_cell.angle_gamma   90.00
#
_symmetry.space_group_name_H-M   'P 21 21 2'
#
loop_
_entity.id
_entity.type
_entity.pdbx_description
1 polymer 'Conserved domain protein'
2 non-polymer IMIDAZOLE
3 non-polymer 'NICKEL (II) ION'
4 water water
#
_entity_poly.entity_id   1
_entity_poly.type   'polypeptide(L)'
_entity_poly.pdbx_seq_one_letter_code
;SNAE(MSE)AVEDKEKQQEERVYQLLPKGDVEG(MSE)RELHQRG(MSE)SFSPYEPTGIYVKPDEEVVIQVEGTQQIKA
YIGTYSYEKEGPKQFNLHPGENKISSSNGGLLYFYNYHNTGEVVAKVKKGGTPNPLFILGKHTTKDWKR(MSE)LAENPD
PYAIE(MSE)KGENSLLT(MSE)HPETVAEHLKQEDPAALLKKHDEIINIEHK(MSE)SGLSKDGAGVANQGKHSIHFVE
DWYTDDY(MSE)YATYYRTAYSKGNLESVLNLEELTNDGWGPWHEVGHQHQQDTWLWDGLGEVTVNIYSLAVQTTFGHKT
RLEQEGRYEAAFAYLGKPDAQEK(MSE)NEFEKLV(MSE)FWQLHLAYGDQFYPNLHQ(MSE)YRLLHDTELPKSDEEKK
Q(MSE)FIY(MSE)TSKVAGQNLIPFFDKWGLSANDATREKIEKLNLPKLEKEIWLSTDSNPIREKQIELYEAPYGEPNN
EKIQN(MSE)VIGTTYDEEKAKELVQNLGEGVKTTGVI(MSE)QDTPEVGEKTVKVEIVDGKGNKNFIPVVVNVGYGDSL
LVYGLNYTWGGLEVNRNSTSWYENI
;
_entity_poly.pdbx_strand_id   A
#
loop_
_chem_comp.id
_chem_comp.type
_chem_comp.name
_chem_comp.formula
IMD non-polymer IMIDAZOLE 'C3 H5 N2 1'
NI non-polymer 'NICKEL (II) ION' 'Ni 2'
#
# COMPACT_ATOMS: atom_id res chain seq x y z
N GLU A 15 6.34 -20.66 30.92
CA GLU A 15 5.73 -21.00 29.64
C GLU A 15 4.75 -19.92 29.18
N GLU A 16 4.86 -18.73 29.79
CA GLU A 16 4.08 -17.55 29.39
C GLU A 16 4.84 -16.72 28.34
N ARG A 17 4.21 -16.45 27.21
CA ARG A 17 4.87 -15.73 26.13
C ARG A 17 4.27 -14.34 25.98
N VAL A 18 5.11 -13.32 26.14
CA VAL A 18 4.63 -11.94 26.25
C VAL A 18 4.92 -11.13 25.00
N TYR A 19 3.90 -10.41 24.54
CA TYR A 19 4.03 -9.57 23.35
C TYR A 19 3.81 -8.11 23.69
N GLN A 20 4.72 -7.28 23.22
CA GLN A 20 4.59 -5.84 23.34
C GLN A 20 4.09 -5.34 22.01
N LEU A 21 2.77 -5.29 21.88
CA LEU A 21 2.13 -4.92 20.63
C LEU A 21 2.10 -3.39 20.49
N LEU A 22 2.92 -2.86 19.58
CA LEU A 22 2.89 -1.45 19.26
C LEU A 22 1.55 -1.05 18.64
N PRO A 23 1.17 0.23 18.80
CA PRO A 23 -0.02 0.72 18.11
C PRO A 23 0.26 0.84 16.62
N LYS A 24 -0.60 0.26 15.79
CA LYS A 24 -0.35 0.21 14.36
C LYS A 24 -1.36 1.01 13.55
N GLY A 25 -2.48 1.37 14.17
CA GLY A 25 -3.52 2.04 13.42
C GLY A 25 -4.34 1.03 12.62
N ASP A 26 -5.28 1.52 11.81
CA ASP A 26 -6.28 0.69 11.13
C ASP A 26 -5.92 0.50 9.66
N VAL A 27 -5.88 -0.76 9.20
CA VAL A 27 -5.58 -1.04 7.78
C VAL A 27 -6.62 -0.42 6.84
N GLU A 28 -7.90 -0.49 7.23
CA GLU A 28 -8.97 0.08 6.42
C GLU A 28 -8.85 1.61 6.37
N GLY A 29 -8.53 2.20 7.52
CA GLY A 29 -8.21 3.62 7.56
C GLY A 29 -7.14 4.00 6.54
N MSE A 30 -5.97 3.36 6.63
CA MSE A 30 -4.84 3.67 5.76
C MSE A 30 -5.27 3.52 4.32
O MSE A 30 -4.99 4.39 3.49
CB MSE A 30 -3.66 2.73 6.04
CG MSE A 30 -2.93 3.04 7.34
SE MSE A 30 -2.85 4.92 7.81
CE MSE A 30 -1.77 5.49 6.33
N ARG A 31 -5.98 2.43 4.05
CA ARG A 31 -6.38 2.12 2.68
C ARG A 31 -7.17 3.26 2.09
N GLU A 32 -8.08 3.83 2.87
CA GLU A 32 -8.95 4.89 2.37
C GLU A 32 -8.18 6.19 2.21
N LEU A 33 -7.34 6.50 3.20
CA LEU A 33 -6.51 7.69 3.11
C LEU A 33 -5.69 7.62 1.82
N HIS A 34 -5.15 6.44 1.50
CA HIS A 34 -4.30 6.27 0.32
C HIS A 34 -5.06 6.18 -1.01
N GLN A 35 -6.38 5.98 -0.95
CA GLN A 35 -7.17 5.70 -2.17
C GLN A 35 -6.74 4.41 -2.86
N ARG A 36 -6.21 3.49 -2.07
CA ARG A 36 -5.83 2.17 -2.56
C ARG A 36 -7.04 1.23 -2.55
N GLY A 37 -6.94 0.14 -3.31
CA GLY A 37 -8.07 -0.73 -3.52
C GLY A 37 -8.18 -1.84 -2.51
N MSE A 38 -7.11 -2.05 -1.75
CA MSE A 38 -7.09 -3.18 -0.82
C MSE A 38 -6.13 -2.94 0.33
O MSE A 38 -5.10 -2.28 0.17
CB MSE A 38 -6.73 -4.47 -1.57
CG MSE A 38 -5.32 -4.50 -2.14
SE MSE A 38 -5.16 -5.78 -3.60
CE MSE A 38 -6.02 -4.71 -4.99
N SER A 39 -6.46 -3.48 1.50
CA SER A 39 -5.68 -3.18 2.69
C SER A 39 -4.33 -3.87 2.76
N PHE A 40 -3.44 -3.27 3.54
CA PHE A 40 -2.20 -3.92 3.90
C PHE A 40 -2.47 -4.89 5.04
N SER A 41 -1.43 -5.60 5.47
CA SER A 41 -1.62 -6.61 6.47
C SER A 41 -1.86 -6.02 7.85
N PRO A 42 -2.81 -6.61 8.59
CA PRO A 42 -3.16 -6.25 9.98
C PRO A 42 -2.45 -7.14 11.00
N TYR A 43 -1.70 -8.11 10.51
CA TYR A 43 -1.09 -9.10 11.38
C TYR A 43 0.17 -8.63 12.09
N GLU A 44 0.24 -8.84 13.39
CA GLU A 44 1.53 -8.94 14.04
C GLU A 44 1.70 -10.39 14.49
N PRO A 45 2.74 -11.05 13.97
CA PRO A 45 2.90 -12.49 14.17
C PRO A 45 3.35 -12.80 15.59
N THR A 46 3.04 -14.01 16.08
CA THR A 46 3.43 -14.45 17.41
C THR A 46 4.42 -15.63 17.39
N GLY A 47 4.43 -16.39 16.30
CA GLY A 47 5.19 -17.63 16.27
C GLY A 47 4.56 -18.68 17.17
N ILE A 48 3.23 -18.57 17.33
CA ILE A 48 2.48 -19.56 18.09
C ILE A 48 1.46 -20.26 17.18
N TYR A 49 1.61 -21.57 17.03
CA TYR A 49 0.59 -22.33 16.33
C TYR A 49 -0.45 -22.85 17.33
N VAL A 50 -1.73 -22.68 17.01
CA VAL A 50 -2.78 -23.26 17.85
C VAL A 50 -3.66 -24.28 17.10
N LYS A 51 -3.77 -25.46 17.70
CA LYS A 51 -4.45 -26.60 17.08
C LYS A 51 -5.95 -26.37 16.99
N PRO A 52 -6.64 -27.15 16.14
CA PRO A 52 -8.10 -27.05 16.12
C PRO A 52 -8.67 -27.25 17.54
N ASP A 53 -9.71 -26.49 17.87
CA ASP A 53 -10.42 -26.63 19.15
C ASP A 53 -9.55 -26.42 20.38
N GLU A 54 -8.29 -26.02 20.18
CA GLU A 54 -7.45 -25.74 21.33
C GLU A 54 -7.79 -24.36 21.89
N GLU A 55 -8.18 -24.33 23.17
CA GLU A 55 -8.44 -23.07 23.85
C GLU A 55 -7.11 -22.39 24.17
N VAL A 56 -7.02 -21.11 23.85
CA VAL A 56 -5.83 -20.35 24.18
C VAL A 56 -6.19 -19.30 25.21
N VAL A 57 -5.48 -19.30 26.34
CA VAL A 57 -5.74 -18.30 27.37
C VAL A 57 -4.83 -17.11 27.16
N ILE A 58 -5.44 -15.96 26.89
CA ILE A 58 -4.63 -14.77 26.72
C ILE A 58 -5.13 -13.57 27.48
N GLN A 59 -4.16 -12.88 28.06
CA GLN A 59 -4.39 -11.85 29.05
C GLN A 59 -3.91 -10.51 28.51
N VAL A 60 -4.81 -9.52 28.46
CA VAL A 60 -4.46 -8.20 27.95
C VAL A 60 -4.29 -7.20 29.09
N GLU A 61 -3.08 -6.66 29.21
CA GLU A 61 -2.83 -5.69 30.27
C GLU A 61 -2.94 -4.25 29.78
N GLY A 62 -3.22 -3.34 30.72
CA GLY A 62 -3.48 -1.94 30.39
C GLY A 62 -4.96 -1.66 30.10
N THR A 63 -5.25 -0.48 29.56
CA THR A 63 -6.63 -0.12 29.29
C THR A 63 -7.14 -0.71 27.98
N GLN A 64 -6.35 -0.52 26.91
CA GLN A 64 -6.81 -0.75 25.54
C GLN A 64 -7.13 -2.19 25.14
N GLN A 65 -8.23 -2.32 24.40
CA GLN A 65 -8.65 -3.58 23.79
C GLN A 65 -7.94 -3.76 22.45
N ILE A 66 -7.82 -5.00 22.01
CA ILE A 66 -7.18 -5.27 20.72
C ILE A 66 -7.92 -6.38 19.97
N LYS A 67 -7.46 -6.70 18.75
CA LYS A 67 -8.05 -7.79 17.99
C LYS A 67 -7.01 -8.88 17.79
N ALA A 68 -7.46 -10.07 17.40
CA ALA A 68 -6.56 -11.20 17.21
C ALA A 68 -7.11 -12.14 16.14
N TYR A 69 -6.24 -12.96 15.58
CA TYR A 69 -6.65 -13.93 14.58
C TYR A 69 -6.08 -15.29 14.91
N ILE A 70 -6.88 -16.34 14.68
CA ILE A 70 -6.35 -17.69 14.60
C ILE A 70 -6.51 -18.17 13.15
N GLY A 71 -5.39 -18.18 12.44
CA GLY A 71 -5.38 -18.50 11.03
C GLY A 71 -4.68 -17.42 10.24
N THR A 72 -4.18 -17.81 9.07
CA THR A 72 -3.42 -16.93 8.18
C THR A 72 -4.20 -16.77 6.89
N TYR A 73 -4.47 -15.53 6.48
CA TYR A 73 -5.14 -15.30 5.21
C TYR A 73 -4.44 -16.10 4.11
N SER A 74 -5.21 -16.73 3.22
CA SER A 74 -4.68 -17.45 2.05
C SER A 74 -3.82 -18.69 2.32
N TYR A 75 -3.60 -19.07 3.58
CA TYR A 75 -2.71 -20.20 3.84
C TYR A 75 -3.50 -21.50 4.03
N GLU A 76 -4.74 -21.34 4.46
CA GLU A 76 -5.66 -22.46 4.64
C GLU A 76 -6.78 -22.34 3.64
N LYS A 77 -7.65 -23.35 3.58
CA LYS A 77 -8.81 -23.31 2.72
C LYS A 77 -9.78 -22.26 3.25
N GLU A 78 -10.21 -22.44 4.50
CA GLU A 78 -11.09 -21.48 5.15
C GLU A 78 -10.30 -20.30 5.69
N GLY A 79 -10.92 -19.12 5.66
CA GLY A 79 -10.28 -17.91 6.15
C GLY A 79 -10.07 -17.93 7.65
N PRO A 80 -9.27 -16.99 8.18
CA PRO A 80 -8.94 -16.96 9.61
C PRO A 80 -10.14 -16.60 10.47
N LYS A 81 -10.20 -17.15 11.67
CA LYS A 81 -11.26 -16.74 12.62
C LYS A 81 -10.78 -15.49 13.37
N GLN A 82 -11.69 -14.57 13.68
CA GLN A 82 -11.28 -13.28 14.27
C GLN A 82 -11.82 -13.03 15.67
N PHE A 83 -11.03 -12.32 16.48
CA PHE A 83 -11.35 -12.18 17.91
C PHE A 83 -11.18 -10.76 18.42
N ASN A 84 -12.16 -10.31 19.21
CA ASN A 84 -12.04 -9.08 19.97
C ASN A 84 -11.56 -9.41 21.38
N LEU A 85 -10.41 -8.84 21.77
CA LEU A 85 -9.86 -9.15 23.07
C LEU A 85 -10.13 -8.02 24.03
N HIS A 86 -11.00 -8.28 25.00
CA HIS A 86 -11.23 -7.35 26.10
C HIS A 86 -10.04 -7.42 27.06
N PRO A 87 -9.68 -6.29 27.69
CA PRO A 87 -8.58 -6.34 28.66
C PRO A 87 -8.82 -7.37 29.76
N GLY A 88 -7.75 -7.94 30.29
CA GLY A 88 -7.90 -9.04 31.21
C GLY A 88 -7.84 -10.38 30.50
N GLU A 89 -8.60 -11.34 31.00
CA GLU A 89 -8.47 -12.72 30.58
C GLU A 89 -9.47 -13.14 29.49
N ASN A 90 -8.97 -13.77 28.44
CA ASN A 90 -9.80 -14.28 27.35
C ASN A 90 -9.58 -15.77 27.13
N LYS A 91 -10.55 -16.42 26.48
CA LYS A 91 -10.45 -17.84 26.15
C LYS A 91 -10.96 -18.04 24.73
N ILE A 92 -10.06 -17.94 23.78
CA ILE A 92 -10.42 -17.99 22.37
C ILE A 92 -10.07 -19.36 21.81
N SER A 93 -10.60 -19.66 20.64
CA SER A 93 -10.60 -21.02 20.12
C SER A 93 -11.16 -21.04 18.71
N SER A 94 -10.60 -21.89 17.85
CA SER A 94 -11.08 -22.01 16.48
C SER A 94 -11.20 -23.47 16.11
N SER A 95 -12.30 -23.81 15.43
CA SER A 95 -12.51 -25.18 14.96
C SER A 95 -11.41 -25.61 13.97
N ASN A 96 -10.74 -24.63 13.36
CA ASN A 96 -9.77 -24.90 12.30
C ASN A 96 -8.32 -24.82 12.75
N GLY A 97 -8.09 -24.25 13.93
CA GLY A 97 -6.73 -24.03 14.39
C GLY A 97 -6.04 -23.03 13.50
N GLY A 98 -4.78 -22.73 13.79
CA GLY A 98 -4.06 -21.77 12.98
C GLY A 98 -2.97 -21.03 13.74
N LEU A 99 -2.21 -20.20 13.03
CA LEU A 99 -1.26 -19.32 13.67
C LEU A 99 -1.96 -18.15 14.37
N LEU A 100 -1.37 -17.74 15.49
CA LEU A 100 -1.92 -16.63 16.23
C LEU A 100 -1.29 -15.31 15.76
N TYR A 101 -2.13 -14.30 15.55
CA TYR A 101 -1.69 -12.94 15.23
C TYR A 101 -2.43 -11.96 16.13
N PHE A 102 -1.80 -10.83 16.41
CA PHE A 102 -2.43 -9.76 17.19
C PHE A 102 -2.63 -8.53 16.31
N TYR A 103 -3.62 -7.71 16.63
CA TYR A 103 -3.92 -6.52 15.84
C TYR A 103 -4.18 -5.32 16.77
N ASN A 104 -3.11 -4.65 17.17
CA ASN A 104 -3.28 -3.38 17.89
C ASN A 104 -3.56 -2.27 16.90
N TYR A 105 -4.84 -2.15 16.53
CA TYR A 105 -5.29 -1.21 15.52
C TYR A 105 -5.33 0.24 15.99
N HIS A 106 -5.02 0.48 17.27
CA HIS A 106 -5.05 1.86 17.77
C HIS A 106 -3.85 2.64 17.25
N ASN A 107 -3.91 3.97 17.31
CA ASN A 107 -2.75 4.76 16.93
C ASN A 107 -1.82 5.11 18.10
N THR A 108 -2.36 5.01 19.31
CA THR A 108 -1.62 5.38 20.51
C THR A 108 -1.60 4.23 21.51
N GLY A 109 -0.49 4.11 22.24
CA GLY A 109 -0.37 3.18 23.37
C GLY A 109 0.05 1.77 23.01
N GLU A 110 1.25 1.36 23.45
CA GLU A 110 1.67 -0.03 23.30
C GLU A 110 0.77 -0.91 24.18
N VAL A 111 0.57 -2.15 23.78
CA VAL A 111 -0.35 -3.05 24.51
C VAL A 111 0.25 -4.41 24.80
N VAL A 112 0.37 -4.74 26.08
CA VAL A 112 1.04 -6.00 26.48
C VAL A 112 0.06 -7.17 26.54
N ALA A 113 0.29 -8.18 25.72
CA ALA A 113 -0.57 -9.35 25.68
C ALA A 113 0.18 -10.59 26.08
N LYS A 114 -0.35 -11.31 27.06
CA LYS A 114 0.32 -12.53 27.51
C LYS A 114 -0.48 -13.77 27.15
N VAL A 115 0.16 -14.69 26.44
CA VAL A 115 -0.45 -15.99 26.13
C VAL A 115 -0.09 -16.97 27.23
N LYS A 116 -1.04 -17.20 28.14
CA LYS A 116 -0.77 -17.96 29.35
C LYS A 116 -0.74 -19.47 29.13
N LYS A 117 -1.80 -20.00 28.51
CA LYS A 117 -1.88 -21.44 28.27
C LYS A 117 -2.40 -21.74 26.86
N GLY A 118 -2.01 -22.89 26.32
CA GLY A 118 -2.43 -23.28 24.98
C GLY A 118 -1.50 -22.72 23.93
N GLY A 119 -1.48 -23.37 22.76
CA GLY A 119 -0.58 -23.01 21.69
C GLY A 119 0.74 -23.76 21.81
N THR A 120 1.54 -23.67 20.77
CA THR A 120 2.82 -24.35 20.73
C THR A 120 3.71 -23.60 19.71
N PRO A 121 5.04 -23.61 19.93
CA PRO A 121 5.93 -22.76 19.11
C PRO A 121 5.88 -23.10 17.63
N ASN A 122 6.01 -22.06 16.81
CA ASN A 122 6.12 -22.20 15.38
C ASN A 122 7.18 -21.22 14.92
N PRO A 123 8.09 -21.67 14.04
CA PRO A 123 9.18 -20.78 13.63
C PRO A 123 8.71 -19.39 13.17
N LEU A 124 9.21 -18.37 13.86
CA LEU A 124 9.05 -16.97 13.47
C LEU A 124 10.40 -16.28 13.52
N PHE A 125 10.90 -15.88 12.34
CA PHE A 125 12.19 -15.19 12.27
C PHE A 125 11.96 -13.71 12.03
N ILE A 126 12.50 -12.89 12.92
CA ILE A 126 12.31 -11.44 12.80
C ILE A 126 13.62 -10.76 12.43
N LEU A 127 13.62 -10.05 11.29
CA LEU A 127 14.83 -9.35 10.84
C LEU A 127 15.28 -8.33 11.86
N GLY A 128 16.58 -8.32 12.15
CA GLY A 128 17.15 -7.33 13.07
C GLY A 128 16.99 -7.72 14.54
N LYS A 129 16.14 -8.71 14.79
CA LYS A 129 16.04 -9.27 16.13
C LYS A 129 16.85 -10.57 16.22
N HIS A 130 16.62 -11.49 15.28
CA HIS A 130 17.24 -12.82 15.34
C HIS A 130 18.54 -12.95 14.56
N THR A 131 19.43 -13.84 15.02
CA THR A 131 20.67 -14.13 14.33
C THR A 131 20.57 -15.41 13.51
N THR A 132 21.63 -15.71 12.78
CA THR A 132 21.74 -16.97 12.05
C THR A 132 21.63 -18.14 13.06
N LYS A 133 22.29 -18.00 14.21
CA LYS A 133 22.20 -18.96 15.30
C LYS A 133 20.77 -19.23 15.75
N ASP A 134 20.00 -18.16 15.98
CA ASP A 134 18.60 -18.28 16.37
C ASP A 134 17.84 -19.03 15.30
N TRP A 135 18.06 -18.66 14.03
CA TRP A 135 17.38 -19.30 12.91
C TRP A 135 17.68 -20.79 12.87
N LYS A 136 18.96 -21.14 12.89
CA LYS A 136 19.33 -22.54 12.86
C LYS A 136 18.64 -23.25 14.03
N ARG A 137 18.80 -22.70 15.23
CA ARG A 137 18.20 -23.29 16.43
C ARG A 137 16.70 -23.52 16.24
N MSE A 138 16.00 -22.44 15.85
CA MSE A 138 14.59 -22.42 15.48
C MSE A 138 14.15 -23.61 14.63
O MSE A 138 13.17 -24.28 14.94
CB MSE A 138 14.31 -21.15 14.68
CG MSE A 138 13.18 -20.31 15.20
SE MSE A 138 12.93 -18.86 13.96
CE MSE A 138 14.49 -17.77 14.46
N LEU A 139 14.89 -23.85 13.54
CA LEU A 139 14.54 -24.91 12.62
C LEU A 139 14.75 -26.29 13.24
N ALA A 140 15.83 -26.41 14.01
CA ALA A 140 16.18 -27.68 14.63
C ALA A 140 15.18 -28.01 15.74
N GLU A 141 14.77 -26.97 16.48
CA GLU A 141 13.91 -27.17 17.64
C GLU A 141 12.45 -27.40 17.29
N ASN A 142 12.00 -26.86 16.15
CA ASN A 142 10.61 -27.07 15.72
C ASN A 142 10.52 -27.73 14.35
N PRO A 143 11.00 -28.99 14.27
CA PRO A 143 11.04 -29.72 13.00
C PRO A 143 9.66 -29.92 12.41
N ASP A 144 9.59 -29.91 11.08
CA ASP A 144 8.35 -30.13 10.34
C ASP A 144 7.19 -29.39 11.01
N PRO A 145 7.30 -28.04 11.04
CA PRO A 145 6.28 -27.20 11.68
C PRO A 145 5.09 -26.96 10.77
N TYR A 146 4.13 -26.19 11.26
CA TYR A 146 2.93 -25.86 10.51
C TYR A 146 3.27 -24.91 9.37
N ALA A 147 4.20 -24.00 9.64
CA ALA A 147 4.60 -23.01 8.66
C ALA A 147 5.94 -22.43 9.05
N ILE A 148 6.54 -21.68 8.14
CA ILE A 148 7.68 -20.85 8.47
C ILE A 148 7.24 -19.39 8.32
N GLU A 149 7.49 -18.59 9.34
CA GLU A 149 7.25 -17.15 9.23
C GLU A 149 8.51 -16.31 9.36
N MSE A 150 8.63 -15.38 8.44
CA MSE A 150 9.80 -14.52 8.35
C MSE A 150 9.31 -13.09 8.22
O MSE A 150 8.50 -12.77 7.33
CB MSE A 150 10.63 -14.94 7.15
CG MSE A 150 11.23 -16.33 7.33
SE MSE A 150 11.74 -17.15 5.62
CE MSE A 150 9.97 -17.69 5.06
N LYS A 151 9.77 -12.24 9.13
CA LYS A 151 9.22 -10.90 9.27
C LYS A 151 10.31 -9.85 9.10
N GLY A 152 10.18 -9.02 8.06
CA GLY A 152 11.06 -7.88 7.89
C GLY A 152 10.44 -6.60 8.47
N GLU A 153 11.02 -5.45 8.14
CA GLU A 153 10.49 -4.16 8.59
C GLU A 153 9.14 -3.86 7.95
N ASN A 154 8.95 -4.34 6.72
CA ASN A 154 7.80 -3.93 5.90
C ASN A 154 7.08 -5.13 5.29
N SER A 155 7.52 -6.32 5.66
CA SER A 155 7.09 -7.54 4.99
C SER A 155 6.85 -8.65 5.97
N LEU A 156 5.94 -9.54 5.60
CA LEU A 156 5.73 -10.78 6.33
C LEU A 156 5.58 -11.90 5.33
N LEU A 157 6.28 -13.00 5.58
CA LEU A 157 6.24 -14.19 4.72
C LEU A 157 5.73 -15.39 5.51
N THR A 158 4.64 -15.97 5.04
CA THR A 158 4.12 -17.19 5.65
C THR A 158 4.18 -18.31 4.62
N MSE A 159 5.09 -19.25 4.86
CA MSE A 159 5.51 -20.23 3.85
C MSE A 159 5.44 -21.65 4.39
O MSE A 159 5.62 -21.89 5.58
CB MSE A 159 6.96 -19.95 3.44
CG MSE A 159 7.18 -18.60 2.85
SE MSE A 159 6.33 -18.49 1.07
CE MSE A 159 6.86 -16.68 0.73
N HIS A 160 5.21 -22.62 3.50
CA HIS A 160 5.33 -24.02 3.90
C HIS A 160 6.79 -24.35 4.11
N PRO A 161 7.10 -25.17 5.14
CA PRO A 161 8.51 -25.39 5.48
C PRO A 161 9.29 -26.09 4.36
N GLU A 162 8.68 -27.06 3.68
CA GLU A 162 9.38 -27.75 2.58
C GLU A 162 9.69 -26.75 1.47
N THR A 163 8.89 -25.70 1.34
CA THR A 163 9.10 -24.72 0.28
C THR A 163 10.26 -23.77 0.62
N VAL A 164 10.38 -23.37 1.90
CA VAL A 164 11.56 -22.59 2.34
C VAL A 164 12.85 -23.41 2.20
N ALA A 165 12.79 -24.68 2.59
CA ALA A 165 13.97 -25.52 2.54
C ALA A 165 14.45 -25.66 1.10
N GLU A 166 13.54 -25.53 0.13
CA GLU A 166 13.90 -25.67 -1.29
C GLU A 166 14.43 -24.39 -1.93
N HIS A 167 13.93 -23.24 -1.48
CA HIS A 167 14.16 -21.98 -2.18
C HIS A 167 15.04 -20.95 -1.44
N LEU A 168 15.13 -21.06 -0.12
CA LEU A 168 16.01 -20.16 0.64
C LEU A 168 17.46 -20.56 0.43
N LYS A 169 18.22 -19.68 -0.21
CA LYS A 169 19.59 -20.02 -0.59
C LYS A 169 20.63 -19.38 0.34
N GLN A 170 20.18 -18.84 1.46
CA GLN A 170 21.07 -18.21 2.45
C GLN A 170 21.05 -18.95 3.79
N GLU A 171 22.11 -18.75 4.58
CA GLU A 171 22.21 -19.32 5.91
C GLU A 171 21.06 -18.91 6.82
N ASP A 172 20.50 -17.72 6.56
CA ASP A 172 19.30 -17.28 7.27
C ASP A 172 18.42 -16.43 6.34
N PRO A 173 17.19 -16.12 6.78
CA PRO A 173 16.29 -15.34 5.91
C PRO A 173 16.56 -13.83 5.90
N ALA A 174 17.54 -13.37 6.66
CA ALA A 174 17.82 -11.92 6.74
C ALA A 174 17.95 -11.20 5.38
N ALA A 175 18.91 -11.62 4.54
CA ALA A 175 19.12 -10.92 3.27
C ALA A 175 17.83 -10.83 2.44
N LEU A 176 17.09 -11.94 2.41
CA LEU A 176 15.83 -12.06 1.69
C LEU A 176 14.79 -11.04 2.20
N LEU A 177 14.62 -10.95 3.51
CA LEU A 177 13.70 -9.97 4.11
C LEU A 177 14.10 -8.53 3.76
N LYS A 178 15.40 -8.25 3.84
CA LYS A 178 15.90 -6.93 3.46
C LYS A 178 15.53 -6.58 2.02
N LYS A 179 15.61 -7.55 1.11
CA LYS A 179 15.25 -7.31 -0.28
C LYS A 179 13.75 -7.02 -0.42
N HIS A 180 12.92 -7.91 0.13
CA HIS A 180 11.49 -7.67 0.18
C HIS A 180 11.12 -6.30 0.74
N ASP A 181 11.78 -5.88 1.82
CA ASP A 181 11.53 -4.56 2.39
C ASP A 181 11.93 -3.50 1.37
N GLU A 182 13.05 -3.75 0.68
CA GLU A 182 13.60 -2.79 -0.28
C GLU A 182 12.58 -2.54 -1.39
N ILE A 183 11.98 -3.62 -1.87
CA ILE A 183 10.96 -3.57 -2.91
C ILE A 183 9.72 -2.82 -2.43
N ILE A 184 9.20 -3.21 -1.27
CA ILE A 184 8.05 -2.56 -0.70
C ILE A 184 8.31 -1.07 -0.54
N ASN A 185 9.46 -0.69 -0.01
CA ASN A 185 9.76 0.73 0.14
C ASN A 185 9.81 1.50 -1.19
N ILE A 186 10.31 0.83 -2.22
CA ILE A 186 10.31 1.44 -3.55
C ILE A 186 8.90 1.72 -4.03
N GLU A 187 7.98 0.80 -3.80
CA GLU A 187 6.60 0.98 -4.22
C GLU A 187 5.87 2.00 -3.32
N HIS A 188 6.19 2.01 -2.03
CA HIS A 188 5.73 3.08 -1.15
C HIS A 188 6.20 4.42 -1.71
N LYS A 189 7.49 4.50 -2.04
CA LYS A 189 8.09 5.73 -2.53
C LYS A 189 7.40 6.17 -3.81
N MSE A 190 7.21 5.24 -4.73
CA MSE A 190 6.55 5.59 -5.98
C MSE A 190 5.14 6.16 -5.73
O MSE A 190 4.64 7.00 -6.50
CB MSE A 190 6.53 4.39 -6.94
CG MSE A 190 7.81 4.31 -7.76
SE MSE A 190 7.78 5.51 -9.28
CE MSE A 190 9.48 6.42 -8.99
N SER A 191 4.53 5.73 -4.63
CA SER A 191 3.22 6.19 -4.23
C SER A 191 3.24 7.52 -3.48
N GLY A 192 4.40 8.16 -3.40
CA GLY A 192 4.53 9.40 -2.66
C GLY A 192 4.34 9.21 -1.17
N LEU A 193 4.60 7.98 -0.72
CA LEU A 193 4.36 7.57 0.67
C LEU A 193 5.66 7.30 1.40
N SER A 194 5.81 7.84 2.61
CA SER A 194 7.03 7.63 3.36
C SER A 194 6.73 7.28 4.81
N LYS A 195 7.78 6.87 5.52
CA LYS A 195 7.66 6.49 6.92
C LYS A 195 7.39 7.73 7.77
N ASP A 196 8.11 8.82 7.47
CA ASP A 196 8.01 10.07 8.25
C ASP A 196 6.81 10.94 7.85
N GLY A 197 6.49 10.92 6.56
CA GLY A 197 5.48 11.82 6.00
C GLY A 197 4.20 11.93 6.81
N ALA A 198 3.60 13.11 6.78
CA ALA A 198 2.31 13.34 7.45
C ALA A 198 1.18 13.24 6.43
N GLY A 199 0.01 12.77 6.86
CA GLY A 199 -1.19 12.77 6.03
C GLY A 199 -1.18 11.95 4.75
N VAL A 200 -1.16 12.63 3.61
CA VAL A 200 -1.18 11.97 2.32
C VAL A 200 0.21 11.44 1.92
N ALA A 201 1.17 11.61 2.82
CA ALA A 201 2.51 11.09 2.58
C ALA A 201 2.84 9.97 3.56
N ASN A 202 1.90 9.65 4.45
CA ASN A 202 2.16 8.61 5.43
C ASN A 202 1.80 7.21 4.94
N GLN A 203 2.83 6.36 4.80
CA GLN A 203 2.67 5.00 4.31
C GLN A 203 1.96 4.11 5.32
N GLY A 204 1.82 4.59 6.55
CA GLY A 204 1.16 3.80 7.57
C GLY A 204 2.10 2.81 8.24
N LYS A 205 1.61 2.11 9.26
CA LYS A 205 2.46 1.23 10.05
C LYS A 205 2.34 -0.23 9.69
N HIS A 206 1.49 -0.55 8.72
CA HIS A 206 1.22 -1.95 8.35
C HIS A 206 2.19 -2.49 7.28
N SER A 207 2.58 -3.76 7.37
CA SER A 207 3.47 -4.37 6.38
C SER A 207 2.67 -5.03 5.25
N ILE A 208 3.40 -5.58 4.27
CA ILE A 208 2.81 -6.38 3.20
C ILE A 208 3.02 -7.87 3.50
N HIS A 209 1.97 -8.66 3.31
CA HIS A 209 2.03 -10.06 3.67
C HIS A 209 2.12 -10.87 2.38
N PHE A 210 3.05 -11.84 2.37
CA PHE A 210 3.19 -12.77 1.25
C PHE A 210 2.87 -14.16 1.75
N VAL A 211 1.92 -14.82 1.09
CA VAL A 211 1.43 -16.10 1.60
C VAL A 211 1.50 -17.23 0.56
N GLU A 212 2.11 -18.35 0.93
CA GLU A 212 2.08 -19.53 0.06
C GLU A 212 0.70 -20.21 0.16
N ASP A 213 -0.08 -20.17 -0.91
CA ASP A 213 -1.47 -20.62 -0.87
C ASP A 213 -1.66 -21.96 -1.59
N TRP A 214 -1.83 -23.04 -0.84
CA TRP A 214 -1.96 -24.34 -1.51
C TRP A 214 -3.40 -24.67 -1.91
N TYR A 215 -4.30 -23.71 -1.79
CA TYR A 215 -5.71 -24.02 -2.01
C TYR A 215 -6.34 -23.13 -3.09
N THR A 216 -5.54 -22.86 -4.11
CA THR A 216 -5.98 -22.09 -5.27
C THR A 216 -5.34 -22.65 -6.54
N ASP A 217 -5.99 -22.44 -7.68
CA ASP A 217 -5.40 -22.74 -8.98
C ASP A 217 -4.89 -21.45 -9.63
N ASP A 218 -5.16 -20.32 -8.97
CA ASP A 218 -4.65 -19.04 -9.46
C ASP A 218 -3.14 -19.10 -9.42
N TYR A 219 -2.50 -18.22 -10.18
CA TYR A 219 -1.04 -18.26 -10.30
C TYR A 219 -0.46 -17.48 -9.12
N MSE A 220 -0.72 -16.18 -9.14
CA MSE A 220 -0.46 -15.33 -7.96
C MSE A 220 -1.62 -14.35 -7.88
O MSE A 220 -2.32 -14.15 -8.88
CB MSE A 220 0.83 -14.54 -8.11
CG MSE A 220 2.08 -15.42 -8.30
SE MSE A 220 3.62 -14.34 -8.85
CE MSE A 220 4.90 -15.79 -9.14
N TYR A 221 -1.84 -13.75 -6.72
CA TYR A 221 -2.89 -12.76 -6.64
C TYR A 221 -2.67 -11.85 -5.45
N ALA A 222 -3.44 -10.75 -5.45
CA ALA A 222 -3.38 -9.76 -4.38
C ALA A 222 -4.80 -9.41 -4.04
N THR A 223 -5.08 -9.28 -2.75
CA THR A 223 -6.39 -8.87 -2.31
C THR A 223 -6.25 -8.21 -0.95
N TYR A 224 -7.37 -7.97 -0.28
CA TYR A 224 -7.29 -7.39 1.04
C TYR A 224 -6.35 -8.18 1.95
N TYR A 225 -5.44 -7.46 2.63
CA TYR A 225 -4.59 -7.99 3.71
C TYR A 225 -3.32 -8.68 3.25
N ARG A 226 -3.33 -9.27 2.04
CA ARG A 226 -2.17 -10.05 1.62
C ARG A 226 -2.05 -10.26 0.11
N THR A 227 -0.84 -10.57 -0.31
CA THR A 227 -0.55 -11.13 -1.62
C THR A 227 -0.28 -12.63 -1.42
N ALA A 228 -0.65 -13.45 -2.40
CA ALA A 228 -0.54 -14.91 -2.25
C ALA A 228 -0.01 -15.59 -3.53
N TYR A 229 0.59 -16.77 -3.35
CA TYR A 229 1.32 -17.44 -4.42
C TYR A 229 1.02 -18.93 -4.33
N SER A 230 0.48 -19.49 -5.41
CA SER A 230 0.02 -20.87 -5.41
C SER A 230 1.20 -21.83 -5.44
N LYS A 231 0.92 -23.08 -5.12
CA LYS A 231 1.98 -24.07 -4.94
C LYS A 231 2.86 -24.18 -6.18
N GLY A 232 4.16 -24.26 -5.96
CA GLY A 232 5.10 -24.42 -7.07
C GLY A 232 5.53 -23.08 -7.66
N ASN A 233 4.95 -22.02 -7.13
CA ASN A 233 5.21 -20.69 -7.69
C ASN A 233 5.98 -19.76 -6.75
N LEU A 234 6.69 -20.31 -5.76
CA LEU A 234 7.29 -19.46 -4.74
C LEU A 234 8.75 -19.13 -4.93
N GLU A 235 9.39 -19.66 -5.96
CA GLU A 235 10.84 -19.41 -6.11
C GLU A 235 11.21 -17.93 -6.12
N SER A 236 10.43 -17.07 -6.80
CA SER A 236 10.82 -15.68 -6.93
C SER A 236 10.46 -14.84 -5.69
N VAL A 237 9.75 -15.47 -4.75
CA VAL A 237 9.48 -14.86 -3.44
C VAL A 237 10.54 -15.25 -2.37
N LEU A 238 11.17 -16.41 -2.56
CA LEU A 238 12.01 -17.01 -1.53
C LEU A 238 13.49 -17.09 -1.92
N ASN A 239 13.76 -17.17 -3.22
CA ASN A 239 15.14 -17.22 -3.72
C ASN A 239 15.61 -15.80 -3.95
N LEU A 240 16.53 -15.34 -3.11
CA LEU A 240 16.97 -13.95 -3.11
C LEU A 240 17.38 -13.48 -4.51
N GLU A 241 18.13 -14.31 -5.23
CA GLU A 241 18.57 -13.92 -6.57
C GLU A 241 17.40 -13.82 -7.56
N GLU A 242 16.38 -14.67 -7.39
CA GLU A 242 15.23 -14.65 -8.29
C GLU A 242 14.34 -13.46 -8.02
N LEU A 243 14.10 -13.18 -6.74
CA LEU A 243 13.38 -11.99 -6.31
C LEU A 243 14.06 -10.73 -6.82
N THR A 244 15.38 -10.66 -6.67
CA THR A 244 16.14 -9.49 -7.12
C THR A 244 16.16 -9.39 -8.64
N ASN A 245 16.47 -10.50 -9.30
CA ASN A 245 16.74 -10.48 -10.73
C ASN A 245 15.55 -10.78 -11.65
N ASP A 246 14.58 -11.54 -11.15
CA ASP A 246 13.45 -11.96 -11.98
C ASP A 246 12.20 -12.00 -11.13
N GLY A 247 11.97 -10.90 -10.41
CA GLY A 247 10.95 -10.89 -9.38
C GLY A 247 9.63 -10.27 -9.79
N TRP A 248 9.39 -10.15 -11.09
CA TRP A 248 8.18 -9.49 -11.57
C TRP A 248 6.91 -9.89 -10.81
N GLY A 249 6.69 -11.20 -10.64
CA GLY A 249 5.48 -11.68 -10.02
C GLY A 249 5.19 -10.95 -8.71
N PRO A 250 6.10 -11.10 -7.72
CA PRO A 250 5.89 -10.43 -6.43
C PRO A 250 5.91 -8.91 -6.54
N TRP A 251 6.73 -8.33 -7.42
CA TRP A 251 6.69 -6.88 -7.58
C TRP A 251 5.27 -6.45 -7.99
N HIS A 252 4.73 -7.15 -8.99
CA HIS A 252 3.39 -6.90 -9.56
C HIS A 252 2.29 -7.02 -8.50
N GLU A 253 2.30 -8.13 -7.75
CA GLU A 253 1.28 -8.33 -6.72
C GLU A 253 1.38 -7.23 -5.66
N VAL A 254 2.60 -6.83 -5.30
CA VAL A 254 2.75 -5.68 -4.40
C VAL A 254 2.21 -4.43 -5.06
N GLY A 255 2.41 -4.32 -6.38
CA GLY A 255 1.92 -3.18 -7.14
C GLY A 255 0.41 -3.07 -7.05
N HIS A 256 -0.28 -4.21 -7.13
CA HIS A 256 -1.74 -4.24 -7.01
C HIS A 256 -2.21 -3.64 -5.68
N GLN A 257 -1.47 -3.93 -4.62
CA GLN A 257 -1.86 -3.41 -3.32
C GLN A 257 -1.65 -1.90 -3.27
N HIS A 258 -0.89 -1.38 -4.24
CA HIS A 258 -0.55 0.04 -4.31
C HIS A 258 -1.42 0.86 -5.26
N GLN A 259 -2.06 0.20 -6.23
CA GLN A 259 -2.88 0.95 -7.19
C GLN A 259 -3.90 1.85 -6.53
N GLN A 260 -3.93 3.13 -6.92
CA GLN A 260 -5.01 3.98 -6.48
C GLN A 260 -6.14 4.11 -7.47
N ASP A 261 -7.34 3.88 -6.95
CA ASP A 261 -8.52 3.65 -7.75
C ASP A 261 -8.97 4.94 -8.46
N THR A 262 -8.55 6.08 -7.92
CA THR A 262 -9.00 7.37 -8.46
C THR A 262 -8.56 7.65 -9.91
N TRP A 263 -7.51 6.96 -10.36
CA TRP A 263 -7.16 6.98 -11.77
C TRP A 263 -6.96 5.55 -12.27
N LEU A 264 -7.88 4.69 -11.84
CA LEU A 264 -7.98 3.33 -12.30
C LEU A 264 -9.34 3.14 -12.97
N TRP A 265 -9.41 3.43 -14.26
CA TRP A 265 -10.66 3.18 -14.98
C TRP A 265 -10.64 1.80 -15.62
N ASP A 266 -11.79 1.36 -16.11
CA ASP A 266 -11.87 0.04 -16.72
C ASP A 266 -10.82 -0.08 -17.80
N GLY A 267 -10.01 -1.13 -17.71
CA GLY A 267 -8.95 -1.38 -18.66
C GLY A 267 -7.56 -1.24 -18.07
N LEU A 268 -7.48 -0.64 -16.88
CA LEU A 268 -6.21 -0.27 -16.25
C LEU A 268 -5.82 -1.17 -15.09
N GLY A 269 -6.71 -2.08 -14.72
CA GLY A 269 -6.47 -2.94 -13.56
C GLY A 269 -5.16 -3.69 -13.73
N GLU A 270 -4.91 -4.19 -14.93
CA GLU A 270 -3.66 -4.91 -15.17
C GLU A 270 -2.64 -4.04 -15.89
N VAL A 271 -2.83 -2.73 -15.83
CA VAL A 271 -1.87 -1.79 -16.42
C VAL A 271 -1.10 -0.99 -15.37
N THR A 272 -1.81 -0.18 -14.58
CA THR A 272 -1.14 0.77 -13.69
C THR A 272 -0.33 0.07 -12.61
N VAL A 273 -0.73 -1.17 -12.29
CA VAL A 273 0.01 -2.02 -11.35
C VAL A 273 1.47 -2.15 -11.75
N ASN A 274 1.74 -2.09 -13.04
CA ASN A 274 3.08 -2.36 -13.55
C ASN A 274 3.93 -1.11 -13.60
N ILE A 275 3.32 0.02 -13.28
CA ILE A 275 4.11 1.22 -13.07
C ILE A 275 5.01 0.97 -11.88
N TYR A 276 4.46 0.30 -10.86
CA TYR A 276 5.24 -0.01 -9.68
C TYR A 276 6.28 -1.08 -10.03
N SER A 277 5.87 -2.10 -10.75
CA SER A 277 6.79 -3.16 -11.20
C SER A 277 8.00 -2.59 -11.98
N LEU A 278 7.73 -1.76 -12.98
CA LEU A 278 8.78 -1.10 -13.75
C LEU A 278 9.67 -0.26 -12.84
N ALA A 279 9.09 0.33 -11.81
CA ALA A 279 9.84 1.07 -10.79
C ALA A 279 10.89 0.18 -10.12
N VAL A 280 10.44 -0.96 -9.61
CA VAL A 280 11.32 -1.87 -8.93
C VAL A 280 12.37 -2.35 -9.94
N GLN A 281 11.91 -2.73 -11.13
CA GLN A 281 12.78 -3.32 -12.14
C GLN A 281 13.92 -2.39 -12.56
N THR A 282 13.60 -1.12 -12.76
CA THR A 282 14.64 -0.19 -13.19
C THR A 282 15.50 0.17 -12.01
N THR A 283 14.89 0.17 -10.83
CA THR A 283 15.63 0.53 -9.62
C THR A 283 16.75 -0.47 -9.38
N PHE A 284 16.43 -1.75 -9.58
CA PHE A 284 17.39 -2.84 -9.43
C PHE A 284 18.39 -2.92 -10.60
N GLY A 285 18.26 -2.00 -11.55
CA GLY A 285 19.23 -1.83 -12.63
C GLY A 285 18.95 -2.63 -13.90
N HIS A 286 17.76 -3.21 -14.01
CA HIS A 286 17.42 -4.08 -15.14
C HIS A 286 16.69 -3.30 -16.23
N LYS A 287 16.89 -3.70 -17.49
CA LYS A 287 16.09 -3.15 -18.58
C LYS A 287 14.60 -3.46 -18.38
N THR A 288 13.74 -2.53 -18.77
CA THR A 288 12.30 -2.68 -18.56
C THR A 288 11.70 -3.85 -19.35
N ARG A 289 10.63 -4.44 -18.83
CA ARG A 289 9.92 -5.48 -19.56
C ARG A 289 9.38 -4.90 -20.86
N LEU A 290 8.98 -3.62 -20.85
CA LEU A 290 8.59 -2.92 -22.08
C LEU A 290 9.68 -3.05 -23.17
N GLU A 291 10.92 -2.71 -22.82
CA GLU A 291 12.02 -2.73 -23.76
C GLU A 291 12.31 -4.15 -24.23
N GLN A 292 12.38 -5.09 -23.29
CA GLN A 292 12.67 -6.49 -23.62
C GLN A 292 11.64 -7.13 -24.53
N GLU A 293 10.38 -6.71 -24.41
CA GLU A 293 9.32 -7.33 -25.20
C GLU A 293 8.92 -6.49 -26.42
N GLY A 294 9.75 -5.50 -26.75
CA GLY A 294 9.50 -4.65 -27.91
C GLY A 294 8.14 -3.96 -27.80
N ARG A 295 7.71 -3.72 -26.57
CA ARG A 295 6.37 -3.18 -26.35
C ARG A 295 6.23 -1.72 -26.79
N TYR A 296 7.35 -1.02 -26.90
CA TYR A 296 7.30 0.37 -27.36
C TYR A 296 6.88 0.46 -28.82
N GLU A 297 7.66 -0.20 -29.69
CA GLU A 297 7.37 -0.18 -31.13
C GLU A 297 5.96 -0.67 -31.39
N ALA A 298 5.55 -1.69 -30.65
CA ALA A 298 4.19 -2.24 -30.75
C ALA A 298 3.11 -1.17 -30.41
N ALA A 299 3.37 -0.38 -29.39
CA ALA A 299 2.44 0.66 -28.97
C ALA A 299 2.43 1.86 -29.94
N PHE A 300 3.58 2.18 -30.53
CA PHE A 300 3.71 3.37 -31.38
C PHE A 300 2.93 3.21 -32.67
N ALA A 301 2.52 1.97 -32.95
CA ALA A 301 1.74 1.66 -34.14
C ALA A 301 0.32 2.22 -34.02
N TYR A 302 0.00 2.69 -32.81
CA TYR A 302 -1.32 3.24 -32.53
C TYR A 302 -1.31 4.74 -32.25
N LEU A 303 -0.15 5.38 -32.33
CA LEU A 303 -0.08 6.82 -32.08
C LEU A 303 -0.85 7.56 -33.18
N GLY A 304 -1.79 8.40 -32.77
CA GLY A 304 -2.59 9.16 -33.72
C GLY A 304 -3.83 8.44 -34.21
N LYS A 305 -3.87 7.12 -34.03
CA LYS A 305 -5.09 6.38 -34.31
C LYS A 305 -6.10 6.70 -33.22
N PRO A 306 -7.34 7.03 -33.62
CA PRO A 306 -8.35 7.52 -32.67
C PRO A 306 -8.90 6.42 -31.76
N ASP A 307 -8.86 5.18 -32.23
CA ASP A 307 -9.36 4.03 -31.49
C ASP A 307 -8.26 3.35 -30.66
N ALA A 308 -7.11 4.01 -30.57
CA ALA A 308 -5.94 3.43 -29.87
C ALA A 308 -6.27 2.79 -28.51
N GLN A 309 -7.07 3.47 -27.69
CA GLN A 309 -7.38 2.92 -26.37
C GLN A 309 -8.23 1.65 -26.46
N GLU A 310 -9.01 1.50 -27.53
CA GLU A 310 -9.82 0.28 -27.64
C GLU A 310 -9.02 -0.89 -28.21
N LYS A 311 -7.95 -0.57 -28.94
CA LYS A 311 -7.13 -1.57 -29.63
C LYS A 311 -5.93 -2.06 -28.84
N MSE A 312 -5.27 -1.16 -28.09
CA MSE A 312 -4.02 -1.52 -27.42
C MSE A 312 -4.25 -2.54 -26.31
O MSE A 312 -5.27 -2.48 -25.60
CB MSE A 312 -3.30 -0.29 -26.86
CG MSE A 312 -2.79 0.66 -27.93
SE MSE A 312 -1.64 2.07 -27.25
CE MSE A 312 -3.00 3.15 -26.29
N ASN A 313 -3.31 -3.48 -26.17
CA ASN A 313 -3.35 -4.40 -25.03
C ASN A 313 -2.84 -3.74 -23.77
N GLU A 314 -2.78 -4.49 -22.67
CA GLU A 314 -2.44 -3.91 -21.38
C GLU A 314 -0.99 -3.45 -21.26
N PHE A 315 -0.08 -4.10 -21.97
CA PHE A 315 1.31 -3.70 -21.90
C PHE A 315 1.62 -2.54 -22.82
N GLU A 316 0.90 -2.47 -23.93
CA GLU A 316 0.96 -1.31 -24.82
C GLU A 316 0.50 -0.03 -24.09
N LYS A 317 -0.58 -0.16 -23.32
CA LYS A 317 -1.15 0.99 -22.64
C LYS A 317 -0.21 1.43 -21.53
N LEU A 318 0.58 0.48 -21.03
CA LEU A 318 1.53 0.77 -19.96
C LEU A 318 2.57 1.77 -20.44
N VAL A 319 2.90 1.72 -21.74
CA VAL A 319 3.86 2.64 -22.31
C VAL A 319 3.57 4.11 -21.96
N MSE A 320 2.36 4.59 -22.29
CA MSE A 320 2.00 5.97 -21.98
C MSE A 320 2.35 6.34 -20.52
O MSE A 320 3.05 7.33 -20.27
CB MSE A 320 0.51 6.21 -22.27
CG MSE A 320 -0.03 7.54 -21.75
SE MSE A 320 -1.94 7.67 -22.10
CE MSE A 320 -2.59 6.28 -20.90
N PHE A 321 1.89 5.54 -19.58
CA PHE A 321 2.10 5.82 -18.16
C PHE A 321 3.57 5.93 -17.81
N TRP A 322 4.35 4.96 -18.30
CA TRP A 322 5.78 4.96 -18.04
C TRP A 322 6.47 6.15 -18.70
N GLN A 323 5.95 6.60 -19.83
CA GLN A 323 6.57 7.72 -20.54
C GLN A 323 6.57 8.98 -19.67
N LEU A 324 5.52 9.18 -18.89
CA LEU A 324 5.44 10.35 -18.02
C LEU A 324 6.51 10.28 -16.93
N HIS A 325 6.73 9.08 -16.42
CA HIS A 325 7.82 8.84 -15.46
C HIS A 325 9.18 9.25 -16.03
N LEU A 326 9.44 8.80 -17.24
CA LEU A 326 10.70 9.06 -17.91
C LEU A 326 10.82 10.56 -18.18
N ALA A 327 9.70 11.17 -18.54
CA ALA A 327 9.67 12.55 -19.03
C ALA A 327 9.87 13.60 -17.93
N TYR A 328 9.38 13.33 -16.72
CA TYR A 328 9.38 14.39 -15.72
C TYR A 328 10.31 14.22 -14.51
N GLY A 329 10.51 12.99 -14.05
CA GLY A 329 11.22 12.78 -12.79
C GLY A 329 10.84 11.42 -12.21
N ASP A 330 11.61 10.97 -11.23
CA ASP A 330 11.15 9.89 -10.34
C ASP A 330 10.05 10.43 -9.42
N GLN A 331 9.94 11.75 -9.36
CA GLN A 331 8.97 12.43 -8.50
C GLN A 331 7.57 12.59 -9.13
N PHE A 332 7.43 12.29 -10.42
CA PHE A 332 6.14 12.46 -11.10
C PHE A 332 5.06 11.67 -10.40
N TYR A 333 5.24 10.35 -10.31
CA TYR A 333 4.18 9.53 -9.72
C TYR A 333 4.03 9.78 -8.22
N PRO A 334 5.15 9.99 -7.51
CA PRO A 334 5.00 10.44 -6.12
C PRO A 334 4.08 11.68 -5.97
N ASN A 335 4.28 12.73 -6.77
CA ASN A 335 3.43 13.93 -6.69
C ASN A 335 2.00 13.71 -7.17
N LEU A 336 1.85 12.83 -8.17
CA LEU A 336 0.53 12.55 -8.71
C LEU A 336 -0.30 11.83 -7.65
N HIS A 337 0.30 10.87 -6.94
CA HIS A 337 -0.44 10.11 -5.94
C HIS A 337 -0.95 11.07 -4.86
N GLN A 338 -0.07 11.93 -4.39
CA GLN A 338 -0.43 12.84 -3.29
C GLN A 338 -1.53 13.82 -3.69
N MSE A 339 -1.43 14.37 -4.90
CA MSE A 339 -2.41 15.34 -5.42
C MSE A 339 -3.79 14.69 -5.46
O MSE A 339 -4.77 15.30 -5.07
CB MSE A 339 -1.99 15.81 -6.81
CG MSE A 339 -2.53 17.19 -7.18
SE MSE A 339 -2.05 17.76 -9.00
CE MSE A 339 -3.20 16.51 -9.87
N TYR A 340 -3.87 13.45 -5.92
CA TYR A 340 -5.15 12.73 -5.94
C TYR A 340 -5.74 12.56 -4.53
N ARG A 341 -4.89 12.31 -3.54
CA ARG A 341 -5.35 12.14 -2.16
C ARG A 341 -5.88 13.44 -1.56
N LEU A 342 -5.59 14.58 -2.19
CA LEU A 342 -6.02 15.88 -1.67
C LEU A 342 -7.37 16.33 -2.21
N LEU A 343 -7.97 15.54 -3.08
CA LEU A 343 -9.25 15.86 -3.67
C LEU A 343 -10.38 15.85 -2.64
N HIS A 344 -11.18 16.91 -2.66
CA HIS A 344 -12.40 16.96 -1.87
C HIS A 344 -13.46 16.02 -2.44
N ASP A 345 -14.49 15.74 -1.65
CA ASP A 345 -15.48 14.74 -2.01
C ASP A 345 -16.13 14.96 -3.38
N THR A 346 -16.55 16.20 -3.62
CA THR A 346 -17.29 16.51 -4.83
C THR A 346 -16.43 16.48 -6.09
N GLU A 347 -15.11 16.45 -5.92
CA GLU A 347 -14.22 16.41 -7.09
C GLU A 347 -13.58 15.03 -7.37
N LEU A 348 -13.88 14.03 -6.54
CA LEU A 348 -13.52 12.65 -6.86
C LEU A 348 -14.25 12.17 -8.11
N PRO A 349 -13.49 11.71 -9.10
CA PRO A 349 -14.10 11.23 -10.35
C PRO A 349 -15.04 10.05 -10.10
N LYS A 350 -16.27 10.13 -10.60
CA LYS A 350 -17.28 9.11 -10.30
C LYS A 350 -17.48 8.06 -11.41
N SER A 351 -16.83 8.23 -12.56
CA SER A 351 -17.04 7.28 -13.66
C SER A 351 -15.74 7.01 -14.38
N ASP A 352 -15.73 6.06 -15.32
CA ASP A 352 -14.51 5.80 -16.06
C ASP A 352 -14.14 7.04 -16.85
N GLU A 353 -15.13 7.65 -17.48
CA GLU A 353 -14.89 8.79 -18.35
C GLU A 353 -14.33 9.95 -17.52
N GLU A 354 -14.92 10.19 -16.34
CA GLU A 354 -14.41 11.22 -15.43
C GLU A 354 -12.96 10.97 -14.97
N LYS A 355 -12.65 9.72 -14.64
CA LYS A 355 -11.28 9.38 -14.28
C LYS A 355 -10.31 9.77 -15.40
N LYS A 356 -10.70 9.50 -16.64
CA LYS A 356 -9.89 9.83 -17.82
C LYS A 356 -9.66 11.35 -17.99
N GLN A 357 -10.73 12.14 -17.91
CA GLN A 357 -10.63 13.59 -18.04
C GLN A 357 -9.79 14.15 -16.91
N MSE A 358 -10.03 13.63 -15.71
CA MSE A 358 -9.24 13.99 -14.51
C MSE A 358 -7.76 13.66 -14.67
O MSE A 358 -6.87 14.42 -14.26
CB MSE A 358 -9.79 13.25 -13.31
CG MSE A 358 -9.12 13.61 -11.99
SE MSE A 358 -10.03 14.98 -10.93
CE MSE A 358 -10.63 16.15 -12.36
N PHE A 359 -7.46 12.50 -15.25
CA PHE A 359 -6.06 12.10 -15.36
C PHE A 359 -5.28 13.11 -16.22
N ILE A 360 -5.90 13.56 -17.31
CA ILE A 360 -5.25 14.53 -18.20
C ILE A 360 -4.96 15.85 -17.48
N TYR A 361 -5.91 16.29 -16.69
CA TYR A 361 -5.80 17.51 -15.91
C TYR A 361 -4.72 17.36 -14.83
N MSE A 362 -4.82 16.30 -14.04
CA MSE A 362 -3.96 16.14 -12.87
C MSE A 362 -2.49 15.95 -13.29
O MSE A 362 -1.57 16.51 -12.68
CB MSE A 362 -4.45 14.96 -12.01
CG MSE A 362 -5.87 15.10 -11.51
SE MSE A 362 -6.02 16.38 -9.96
CE MSE A 362 -5.45 15.19 -8.54
N THR A 363 -2.26 15.16 -14.34
CA THR A 363 -0.90 14.94 -14.80
C THR A 363 -0.29 16.26 -15.34
N SER A 364 -1.08 17.02 -16.09
CA SER A 364 -0.60 18.32 -16.58
C SER A 364 -0.17 19.25 -15.43
N LYS A 365 -0.88 19.18 -14.31
CA LYS A 365 -0.57 20.04 -13.16
C LYS A 365 0.70 19.59 -12.46
N VAL A 366 0.86 18.27 -12.27
CA VAL A 366 2.11 17.73 -11.70
C VAL A 366 3.31 18.11 -12.57
N ALA A 367 3.11 18.07 -13.88
CA ALA A 367 4.17 18.31 -14.84
C ALA A 367 4.40 19.80 -15.07
N GLY A 368 3.36 20.59 -14.90
CA GLY A 368 3.46 22.03 -15.10
C GLY A 368 3.51 22.33 -16.58
N GLN A 369 3.07 21.36 -17.37
CA GLN A 369 2.94 21.53 -18.81
C GLN A 369 1.59 21.05 -19.29
N ASN A 370 1.07 21.67 -20.35
CA ASN A 370 -0.14 21.20 -21.00
C ASN A 370 0.10 19.87 -21.72
N LEU A 371 -0.44 18.78 -21.19
CA LEU A 371 -0.15 17.44 -21.72
C LEU A 371 -1.16 16.91 -22.73
N ILE A 372 -2.10 17.75 -23.14
CA ILE A 372 -3.17 17.33 -24.04
C ILE A 372 -2.67 16.68 -25.34
N PRO A 373 -1.71 17.33 -26.03
CA PRO A 373 -1.16 16.74 -27.27
C PRO A 373 -0.63 15.33 -27.02
N PHE A 374 0.02 15.13 -25.88
CA PHE A 374 0.50 13.82 -25.50
C PHE A 374 -0.65 12.83 -25.34
N PHE A 375 -1.69 13.24 -24.62
CA PHE A 375 -2.84 12.35 -24.45
C PHE A 375 -3.57 12.13 -25.78
N ASP A 376 -3.67 13.20 -26.58
CA ASP A 376 -4.29 13.11 -27.90
C ASP A 376 -3.58 12.07 -28.76
N LYS A 377 -2.26 11.99 -28.64
CA LYS A 377 -1.51 11.03 -29.45
C LYS A 377 -1.84 9.62 -29.03
N TRP A 378 -2.06 9.43 -27.73
CA TRP A 378 -2.36 8.11 -27.22
C TRP A 378 -3.84 7.76 -27.31
N GLY A 379 -4.63 8.64 -27.93
CA GLY A 379 -6.04 8.39 -28.14
C GLY A 379 -6.87 8.51 -26.88
N LEU A 380 -6.34 9.24 -25.90
CA LEU A 380 -7.11 9.60 -24.70
C LEU A 380 -7.54 11.07 -24.84
N SER A 381 -8.74 11.28 -25.36
CA SER A 381 -9.14 12.62 -25.78
C SER A 381 -9.72 13.48 -24.66
N ALA A 382 -9.04 14.58 -24.37
CA ALA A 382 -9.59 15.61 -23.50
C ALA A 382 -10.90 16.12 -24.12
N ASN A 383 -11.95 16.30 -23.30
CA ASN A 383 -13.13 16.98 -23.83
C ASN A 383 -12.87 18.49 -23.78
N ASP A 384 -13.81 19.28 -24.31
CA ASP A 384 -13.60 20.71 -24.37
C ASP A 384 -13.59 21.36 -23.00
N ALA A 385 -14.25 20.72 -22.04
CA ALA A 385 -14.26 21.22 -20.67
C ALA A 385 -12.86 21.05 -20.07
N THR A 386 -12.27 19.88 -20.28
CA THR A 386 -10.92 19.61 -19.82
C THR A 386 -9.89 20.46 -20.57
N ARG A 387 -10.14 20.71 -21.85
CA ARG A 387 -9.23 21.56 -22.61
C ARG A 387 -9.20 22.97 -22.02
N GLU A 388 -10.37 23.54 -21.77
CA GLU A 388 -10.48 24.90 -21.27
C GLU A 388 -9.97 25.00 -19.84
N LYS A 389 -10.23 23.97 -19.04
CA LYS A 389 -9.78 23.92 -17.65
C LYS A 389 -8.25 23.87 -17.56
N ILE A 390 -7.61 23.14 -18.49
CA ILE A 390 -6.16 23.14 -18.56
C ILE A 390 -5.67 24.45 -19.18
N GLU A 391 -6.46 25.00 -20.10
CA GLU A 391 -6.14 26.27 -20.73
C GLU A 391 -5.99 27.41 -19.73
N LYS A 392 -6.84 27.40 -18.70
CA LYS A 392 -6.88 28.45 -17.69
C LYS A 392 -5.68 28.36 -16.74
N LEU A 393 -4.94 27.26 -16.82
CA LEU A 393 -3.78 27.07 -15.97
C LEU A 393 -2.55 27.82 -16.50
N ASN A 394 -2.61 28.23 -17.76
CA ASN A 394 -1.52 29.02 -18.35
C ASN A 394 -0.18 28.29 -18.27
N LEU A 395 -0.23 26.96 -18.42
CA LEU A 395 0.98 26.14 -18.39
C LEU A 395 1.70 26.17 -19.75
N PRO A 396 3.05 26.08 -19.73
CA PRO A 396 3.77 26.07 -21.01
C PRO A 396 3.42 24.83 -21.82
N LYS A 397 3.52 24.93 -23.14
CA LYS A 397 3.27 23.79 -24.01
C LYS A 397 4.39 22.76 -23.87
N LEU A 398 4.12 21.56 -24.35
CA LEU A 398 5.14 20.53 -24.50
C LEU A 398 6.18 20.96 -25.53
N GLU A 399 7.46 20.85 -25.19
CA GLU A 399 8.52 21.24 -26.10
C GLU A 399 9.02 20.04 -26.91
N LYS A 400 8.92 18.86 -26.31
CA LYS A 400 9.41 17.63 -26.94
C LYS A 400 8.28 16.68 -27.27
N GLU A 401 8.59 15.64 -28.06
CA GLU A 401 7.60 14.63 -28.43
C GLU A 401 7.71 13.40 -27.51
N ILE A 402 7.24 13.56 -26.28
CA ILE A 402 7.45 12.54 -25.25
C ILE A 402 6.65 11.24 -25.48
N TRP A 403 5.69 11.27 -26.41
CA TRP A 403 4.94 10.05 -26.75
C TRP A 403 5.81 9.07 -27.53
N LEU A 404 7.02 9.50 -27.88
CA LEU A 404 7.95 8.63 -28.61
C LEU A 404 9.08 8.12 -27.72
N SER A 405 9.07 8.58 -26.47
CA SER A 405 10.07 8.23 -25.48
C SER A 405 10.17 6.72 -25.21
N THR A 406 11.40 6.22 -25.10
CA THR A 406 11.65 4.85 -24.66
C THR A 406 12.70 4.90 -23.56
N ASP A 407 12.95 3.77 -22.92
CA ASP A 407 14.00 3.71 -21.91
C ASP A 407 15.37 3.93 -22.51
N SER A 408 15.61 3.38 -23.70
CA SER A 408 16.92 3.49 -24.32
C SER A 408 17.09 4.87 -24.93
N ASN A 409 15.99 5.45 -25.40
CA ASN A 409 16.00 6.82 -25.91
C ASN A 409 14.92 7.66 -25.22
N PRO A 410 15.19 8.05 -23.97
CA PRO A 410 14.22 8.79 -23.18
C PRO A 410 14.10 10.26 -23.60
N ILE A 411 12.88 10.78 -23.59
CA ILE A 411 12.62 12.18 -23.89
C ILE A 411 12.18 12.90 -22.61
N ARG A 412 13.04 13.80 -22.13
CA ARG A 412 12.88 14.42 -20.82
C ARG A 412 12.48 15.88 -20.90
N GLU A 413 11.42 16.25 -20.20
CA GLU A 413 11.15 17.65 -19.94
C GLU A 413 11.77 17.99 -18.59
N LYS A 414 11.48 19.19 -18.07
CA LYS A 414 12.06 19.61 -16.81
C LYS A 414 11.77 18.61 -15.70
N GLN A 415 12.82 18.26 -14.94
CA GLN A 415 12.71 17.45 -13.74
C GLN A 415 12.00 18.23 -12.62
N ILE A 416 10.95 17.63 -12.07
CA ILE A 416 10.14 18.29 -11.05
C ILE A 416 10.52 17.75 -9.68
N GLU A 417 10.51 18.63 -8.68
CA GLU A 417 10.86 18.24 -7.32
C GLU A 417 9.68 17.59 -6.60
N LEU A 418 9.99 16.91 -5.51
CA LEU A 418 8.96 16.23 -4.73
C LEU A 418 8.05 17.22 -3.99
N TYR A 419 6.76 16.91 -4.00
CA TYR A 419 5.77 17.71 -3.31
C TYR A 419 6.05 17.77 -1.81
N GLU A 420 6.16 18.98 -1.28
CA GLU A 420 6.38 19.17 0.16
C GLU A 420 5.05 19.39 0.88
N ALA A 421 4.52 18.31 1.45
CA ALA A 421 3.24 18.36 2.17
C ALA A 421 3.40 18.97 3.56
N PRO A 422 2.50 19.90 3.92
CA PRO A 422 2.53 20.53 5.26
C PRO A 422 2.38 19.49 6.38
N TYR A 423 3.11 19.67 7.48
CA TYR A 423 3.08 18.70 8.58
C TYR A 423 1.95 18.97 9.58
N GLY A 424 1.36 17.89 10.12
CA GLY A 424 0.37 17.99 11.18
C GLY A 424 0.09 16.64 11.84
N GLU A 425 -0.55 16.67 13.01
CA GLU A 425 -0.80 15.44 13.77
C GLU A 425 -2.23 15.37 14.28
N PRO A 426 -2.73 14.14 14.50
CA PRO A 426 -4.04 13.98 15.17
C PRO A 426 -4.00 14.52 16.61
N ASN A 427 -5.10 14.32 17.32
CA ASN A 427 -5.22 14.78 18.69
C ASN A 427 -6.21 13.88 19.37
N ASN A 428 -5.70 13.12 20.32
CA ASN A 428 -6.39 11.97 20.88
C ASN A 428 -6.63 12.17 22.36
N GLU A 429 -6.07 13.27 22.86
CA GLU A 429 -6.60 13.95 24.03
C GLU A 429 -8.04 13.53 24.14
N LYS A 430 -8.89 14.26 23.41
CA LYS A 430 -10.30 13.92 23.29
C LYS A 430 -10.63 13.45 21.88
N ILE A 431 -10.67 12.13 21.68
CA ILE A 431 -11.35 11.63 20.50
C ILE A 431 -12.78 12.18 20.60
N GLN A 432 -13.17 12.96 19.59
CA GLN A 432 -14.25 13.96 19.74
C GLN A 432 -15.56 13.67 19.00
N ASN A 433 -16.51 14.59 19.15
CA ASN A 433 -17.84 14.46 18.55
C ASN A 433 -17.97 15.15 17.19
N MSE A 434 -18.70 14.53 16.28
CA MSE A 434 -18.98 15.13 14.97
C MSE A 434 -20.34 14.68 14.44
O MSE A 434 -20.63 13.47 14.40
CB MSE A 434 -17.88 14.78 13.97
CG MSE A 434 -18.29 14.97 12.51
SE MSE A 434 -16.92 15.86 11.44
CE MSE A 434 -15.41 14.76 11.93
N VAL A 435 -21.14 15.63 14.02
CA VAL A 435 -22.38 15.32 13.33
C VAL A 435 -22.06 14.87 11.91
N ILE A 436 -22.49 13.65 11.55
CA ILE A 436 -22.17 13.06 10.25
C ILE A 436 -22.36 14.04 9.10
N GLY A 437 -21.49 13.93 8.09
CA GLY A 437 -21.65 14.71 6.88
C GLY A 437 -21.24 16.16 7.00
N THR A 438 -20.60 16.49 8.12
CA THR A 438 -20.02 17.82 8.29
C THR A 438 -18.79 17.93 7.39
N THR A 439 -18.66 19.07 6.71
CA THR A 439 -17.57 19.24 5.76
C THR A 439 -16.78 20.51 6.04
N TYR A 440 -17.26 21.26 7.04
CA TYR A 440 -16.62 22.51 7.44
C TYR A 440 -17.03 22.87 8.87
N ASP A 441 -16.07 22.84 9.78
CA ASP A 441 -16.27 23.32 11.14
C ASP A 441 -14.96 23.98 11.55
N GLU A 442 -14.93 25.31 11.50
CA GLU A 442 -13.70 26.06 11.73
C GLU A 442 -13.10 25.73 13.09
N GLU A 443 -13.95 25.80 14.12
CA GLU A 443 -13.48 25.57 15.48
C GLU A 443 -13.14 24.12 15.82
N LYS A 444 -13.97 23.18 15.37
CA LYS A 444 -13.73 21.78 15.68
C LYS A 444 -12.41 21.36 15.04
N ALA A 445 -12.20 21.79 13.80
CA ALA A 445 -11.01 21.43 13.01
C ALA A 445 -9.71 21.77 13.74
N LYS A 446 -9.63 22.98 14.31
CA LYS A 446 -8.44 23.42 15.03
C LYS A 446 -8.06 22.50 16.20
N GLU A 447 -9.04 21.77 16.72
CA GLU A 447 -8.84 20.96 17.91
C GLU A 447 -8.71 19.47 17.58
N LEU A 448 -8.85 19.15 16.30
CA LEU A 448 -8.68 17.77 15.85
C LEU A 448 -7.22 17.52 15.53
N VAL A 449 -6.49 18.61 15.28
CA VAL A 449 -5.08 18.49 14.91
C VAL A 449 -4.16 19.14 15.93
N GLN A 450 -2.86 18.88 15.81
CA GLN A 450 -1.88 19.43 16.75
C GLN A 450 -0.48 19.42 16.13
N ASN A 451 0.46 20.12 16.76
CA ASN A 451 1.83 20.24 16.25
C ASN A 451 1.92 20.49 14.75
N LEU A 452 1.07 21.37 14.23
CA LEU A 452 1.16 21.77 12.83
C LEU A 452 2.50 22.45 12.58
N GLY A 453 2.93 22.52 11.32
CA GLY A 453 4.20 23.13 10.96
C GLY A 453 4.13 24.64 10.81
N GLU A 454 5.22 25.26 10.39
CA GLU A 454 5.30 26.72 10.28
C GLU A 454 4.53 27.26 9.07
N GLY A 455 3.70 28.27 9.33
CA GLY A 455 2.85 28.85 8.31
C GLY A 455 1.56 28.05 8.20
N VAL A 456 1.57 26.87 8.81
CA VAL A 456 0.49 25.91 8.62
C VAL A 456 -0.68 26.11 9.60
N LYS A 457 -1.89 26.00 9.05
CA LYS A 457 -3.13 26.17 9.80
C LYS A 457 -4.22 25.29 9.20
N THR A 458 -5.22 24.95 10.01
CA THR A 458 -6.37 24.20 9.50
C THR A 458 -7.19 25.08 8.55
N THR A 459 -7.85 24.50 7.56
CA THR A 459 -8.66 25.29 6.64
C THR A 459 -10.14 25.35 7.06
N GLY A 460 -10.54 24.44 7.93
CA GLY A 460 -11.93 24.30 8.32
C GLY A 460 -12.55 23.10 7.62
N VAL A 461 -12.00 22.75 6.46
CA VAL A 461 -12.50 21.62 5.70
C VAL A 461 -12.27 20.29 6.43
N ILE A 462 -13.32 19.47 6.48
CA ILE A 462 -13.29 18.16 7.11
C ILE A 462 -13.96 17.17 6.15
N MSE A 463 -13.37 16.00 5.97
CA MSE A 463 -13.88 15.05 4.99
C MSE A 463 -13.85 13.60 5.50
O MSE A 463 -12.81 13.11 5.95
CB MSE A 463 -13.03 15.15 3.70
CG MSE A 463 -13.79 14.94 2.41
SE MSE A 463 -14.78 16.50 1.85
CE MSE A 463 -16.51 16.02 2.64
N GLN A 464 -15.00 12.93 5.42
CA GLN A 464 -15.09 11.50 5.74
C GLN A 464 -15.35 10.69 4.47
N ASP A 465 -14.37 9.89 4.06
CA ASP A 465 -14.43 9.21 2.75
C ASP A 465 -15.65 8.31 2.56
N THR A 466 -15.91 7.44 3.53
CA THR A 466 -17.18 6.72 3.55
C THR A 466 -17.92 7.08 4.84
N PRO A 467 -18.90 8.00 4.74
CA PRO A 467 -19.63 8.45 5.94
C PRO A 467 -20.35 7.33 6.67
N GLU A 468 -19.71 6.77 7.71
CA GLU A 468 -20.36 5.84 8.63
C GLU A 468 -20.38 6.48 10.01
N VAL A 469 -21.20 5.91 10.87
CA VAL A 469 -21.47 6.51 12.17
C VAL A 469 -20.49 6.06 13.24
N GLY A 470 -20.45 6.81 14.33
CA GLY A 470 -19.65 6.44 15.49
C GLY A 470 -18.19 6.84 15.42
N GLU A 471 -17.33 5.85 15.56
CA GLU A 471 -15.91 6.08 15.80
C GLU A 471 -14.98 5.73 14.64
N LYS A 472 -14.88 6.64 13.68
CA LYS A 472 -14.06 6.39 12.49
C LYS A 472 -13.12 7.55 12.17
N THR A 473 -12.13 7.27 11.32
CA THR A 473 -11.18 8.28 10.86
C THR A 473 -11.83 9.29 9.92
N VAL A 474 -11.72 10.57 10.28
CA VAL A 474 -12.10 11.64 9.38
C VAL A 474 -10.82 12.38 9.00
N LYS A 475 -10.86 13.16 7.93
CA LYS A 475 -9.68 13.85 7.43
C LYS A 475 -9.80 15.37 7.65
N VAL A 476 -8.80 15.97 8.29
CA VAL A 476 -8.83 17.39 8.59
C VAL A 476 -7.85 18.11 7.65
N GLU A 477 -8.35 19.06 6.87
CA GLU A 477 -7.50 19.72 5.88
C GLU A 477 -6.60 20.81 6.47
N ILE A 478 -5.34 20.84 6.04
CA ILE A 478 -4.43 21.91 6.47
C ILE A 478 -3.72 22.56 5.28
N VAL A 479 -3.15 23.74 5.49
CA VAL A 479 -2.51 24.49 4.40
C VAL A 479 -1.32 25.27 4.94
N ASP A 480 -0.27 25.43 4.14
CA ASP A 480 0.91 26.20 4.59
C ASP A 480 0.98 27.56 3.92
N GLY A 481 2.04 28.31 4.22
CA GLY A 481 2.24 29.64 3.66
C GLY A 481 2.16 29.70 2.14
N LYS A 482 2.57 28.62 1.48
CA LYS A 482 2.53 28.56 0.02
C LYS A 482 1.09 28.38 -0.48
N GLY A 483 0.38 27.43 0.12
CA GLY A 483 -0.97 27.11 -0.29
C GLY A 483 -1.06 25.63 -0.62
N ASN A 484 -0.01 24.90 -0.29
CA ASN A 484 -0.01 23.46 -0.37
C ASN A 484 -0.92 22.88 0.71
N LYS A 485 -1.68 21.84 0.37
CA LYS A 485 -2.62 21.26 1.31
C LYS A 485 -2.17 19.90 1.85
N ASN A 486 -2.80 19.47 2.95
CA ASN A 486 -2.71 18.11 3.43
C ASN A 486 -4.00 17.72 4.13
N PHE A 487 -4.23 16.41 4.24
CA PHE A 487 -5.32 15.87 5.04
C PHE A 487 -4.71 15.10 6.20
N ILE A 488 -5.09 15.45 7.42
CA ILE A 488 -4.64 14.73 8.60
C ILE A 488 -5.75 13.83 9.14
N PRO A 489 -5.50 12.51 9.19
CA PRO A 489 -6.55 11.62 9.68
C PRO A 489 -6.67 11.67 11.20
N VAL A 490 -7.89 11.76 11.71
CA VAL A 490 -8.11 11.69 13.16
C VAL A 490 -9.37 10.90 13.49
N VAL A 491 -9.36 10.25 14.65
CA VAL A 491 -10.50 9.45 15.10
C VAL A 491 -11.53 10.31 15.80
N VAL A 492 -12.78 10.12 15.42
CA VAL A 492 -13.86 10.97 15.90
C VAL A 492 -15.10 10.13 16.24
N ASN A 493 -15.98 10.69 17.07
CA ASN A 493 -17.32 10.15 17.25
C ASN A 493 -18.24 10.84 16.26
N VAL A 494 -18.75 10.10 15.27
CA VAL A 494 -19.71 10.65 14.32
C VAL A 494 -21.14 10.22 14.69
N GLY A 495 -22.06 11.19 14.83
CA GLY A 495 -23.41 10.91 15.28
C GLY A 495 -24.52 11.69 14.58
N TYR A 496 -25.76 11.39 14.94
CA TYR A 496 -26.91 11.99 14.27
C TYR A 496 -27.14 13.44 14.71
N1 IMD B . -1.84 -10.86 -13.01
C2 IMD B . -3.13 -11.02 -13.37
N3 IMD B . -3.52 -12.27 -13.01
C4 IMD B . -2.47 -12.88 -12.40
C5 IMD B . -1.39 -12.00 -12.41
NI NI C . -2.23 -8.75 -11.85
#